data_4TSE
#
_entry.id   4TSE
#
_cell.length_a   51.320
_cell.length_b   86.420
_cell.length_c   86.600
_cell.angle_alpha   90.000
_cell.angle_beta   90.000
_cell.angle_gamma   90.000
#
_symmetry.space_group_name_H-M   'P 21 21 2'
#
loop_
_entity.id
_entity.type
_entity.pdbx_description
1 polymer 'E3 ubiquitin-protein ligase MIB1'
2 water water
#
_entity_poly.entity_id   1
_entity_poly.type   'polypeptide(L)'
_entity_poly.pdbx_seq_one_letter_code
;GPLGSRNPGGLQIGDLVNIDLDLEIVQSLQHGHGGWTDGMFETLTTTGTVCGIDEDHDIVVQYPSGNRWTFNPAVLTKAN
IVRSGDAAQGAEGGTSQFQVGDLVQVCYDLERIKLLQRGHGEWAEAMLPTLGKVGRVQQIYSDSDLKVEVCGTSWTYNPA
AVSKVASAGSAISN
;
_entity_poly.pdbx_strand_id   A,B
#
# COMPACT_ATOMS: atom_id res chain seq x y z
N GLY A 1 -10.74 -10.98 22.99
CA GLY A 1 -9.98 -10.17 23.99
C GLY A 1 -10.22 -8.69 23.81
N PRO A 2 -9.78 -7.89 24.79
CA PRO A 2 -9.99 -6.46 24.72
C PRO A 2 -9.02 -5.82 23.76
N LEU A 3 -9.26 -4.54 23.56
CA LEU A 3 -8.37 -3.70 22.80
C LEU A 3 -6.94 -3.86 23.27
N GLY A 4 -6.04 -4.08 22.32
CA GLY A 4 -4.62 -4.24 22.58
C GLY A 4 -4.23 -5.70 22.74
N SER A 5 -5.19 -6.62 22.74
CA SER A 5 -4.86 -8.01 22.98
C SER A 5 -4.56 -8.78 21.70
N ARG A 6 -4.55 -8.13 20.54
CA ARG A 6 -4.22 -8.85 19.33
C ARG A 6 -2.75 -9.31 19.35
N ASN A 7 -2.54 -10.54 18.91
CA ASN A 7 -1.20 -11.10 18.85
C ASN A 7 -0.33 -10.35 17.85
N PRO A 8 0.91 -9.99 18.24
CA PRO A 8 1.84 -9.38 17.29
C PRO A 8 2.05 -10.30 16.13
N GLY A 9 1.92 -9.76 14.92
CA GLY A 9 1.99 -10.52 13.70
C GLY A 9 0.64 -11.02 13.24
N GLY A 10 -0.41 -10.65 13.96
CA GLY A 10 -1.74 -11.06 13.58
C GLY A 10 -2.31 -10.18 12.48
N LEU A 11 -1.59 -9.12 12.12
CA LEU A 11 -1.90 -8.36 10.92
C LEU A 11 -0.74 -8.50 9.94
N GLN A 12 -1.07 -8.70 8.68
CA GLN A 12 -0.10 -8.81 7.60
C GLN A 12 -0.45 -7.79 6.52
N ILE A 13 0.55 -7.39 5.75
CA ILE A 13 0.37 -6.61 4.53
C ILE A 13 -0.79 -7.17 3.72
N GLY A 14 -1.71 -6.27 3.33
CA GLY A 14 -2.88 -6.65 2.57
C GLY A 14 -4.13 -6.84 3.41
N ASP A 15 -3.97 -6.90 4.72
CA ASP A 15 -5.13 -6.97 5.61
C ASP A 15 -5.86 -5.62 5.62
N LEU A 16 -7.18 -5.71 5.68
CA LEU A 16 -8.07 -4.56 5.75
C LEU A 16 -8.32 -4.22 7.21
N VAL A 17 -8.21 -2.94 7.54
CA VAL A 17 -8.47 -2.47 8.91
C VAL A 17 -9.36 -1.25 8.91
N ASN A 18 -10.09 -1.11 10.01
CA ASN A 18 -10.89 0.06 10.36
C ASN A 18 -10.55 0.60 11.75
N ILE A 19 -11.04 1.80 12.04
CA ILE A 19 -10.96 2.36 13.37
C ILE A 19 -12.37 2.67 13.94
N ASP A 20 -12.68 2.01 15.05
CA ASP A 20 -14.00 2.12 15.68
C ASP A 20 -13.99 3.17 16.83
N LEU A 21 -12.79 3.66 17.17
CA LEU A 21 -12.61 4.40 18.40
C LEU A 21 -12.97 5.86 18.21
N ASP A 22 -13.29 6.54 19.30
CA ASP A 22 -13.42 8.00 19.35
C ASP A 22 -12.06 8.67 19.21
N LEU A 23 -12.03 9.85 18.59
CA LEU A 23 -10.77 10.53 18.31
C LEU A 23 -9.87 10.63 19.53
N GLU A 24 -10.47 10.96 20.66
CA GLU A 24 -9.69 11.22 21.86
C GLU A 24 -8.91 9.99 22.26
N ILE A 25 -9.51 8.81 22.14
CA ILE A 25 -8.80 7.59 22.51
C ILE A 25 -7.69 7.28 21.49
N VAL A 26 -8.00 7.49 20.19
CA VAL A 26 -7.00 7.32 19.14
C VAL A 26 -5.81 8.19 19.45
N GLN A 27 -6.05 9.45 19.81
CA GLN A 27 -4.94 10.37 20.13
C GLN A 27 -4.09 9.87 21.30
N SER A 28 -4.70 9.36 22.38
CA SER A 28 -3.90 8.82 23.50
C SER A 28 -3.04 7.65 23.08
N LEU A 29 -3.64 6.69 22.38
CA LEU A 29 -2.90 5.50 21.97
C LEU A 29 -1.83 5.82 20.92
N GLN A 30 -2.00 6.92 20.19
CA GLN A 30 -1.02 7.28 19.14
C GLN A 30 0.24 7.93 19.70
N HIS A 31 0.21 8.27 20.97
CA HIS A 31 1.38 8.83 21.62
C HIS A 31 2.56 7.84 21.66
N GLY A 32 3.65 8.16 20.94
CA GLY A 32 4.76 7.23 20.86
C GLY A 32 4.55 6.11 19.84
N HIS A 33 3.48 6.24 19.06
CA HIS A 33 3.25 5.27 18.00
C HIS A 33 2.95 6.01 16.68
N GLY A 34 3.50 7.21 16.53
CA GLY A 34 3.38 7.95 15.28
C GLY A 34 2.61 9.26 15.38
N GLY A 35 1.92 9.46 16.50
CA GLY A 35 1.17 10.69 16.70
C GLY A 35 -0.08 10.82 15.83
N TRP A 36 -0.70 11.99 15.91
CA TRP A 36 -1.91 12.34 15.18
C TRP A 36 -1.68 13.65 14.41
N THR A 37 -2.20 13.76 13.20
CA THR A 37 -2.31 15.04 12.47
C THR A 37 -3.70 14.99 11.87
N ASP A 38 -4.28 16.14 11.56
CA ASP A 38 -5.69 16.18 11.13
C ASP A 38 -5.85 15.60 9.74
N GLY A 39 -4.75 15.53 8.99
CA GLY A 39 -4.79 14.80 7.73
C GLY A 39 -5.28 13.39 7.90
N MET A 40 -5.27 12.89 9.14
CA MET A 40 -5.69 11.52 9.44
C MET A 40 -7.18 11.29 9.64
N PHE A 41 -8.01 12.34 9.53
CA PHE A 41 -9.46 12.16 9.73
C PHE A 41 -10.04 11.12 8.77
N GLU A 42 -9.47 11.02 7.58
CA GLU A 42 -9.80 9.94 6.64
C GLU A 42 -9.84 8.59 7.32
N THR A 43 -8.89 8.36 8.24
CA THR A 43 -8.74 7.03 8.79
C THR A 43 -9.88 6.63 9.70
N LEU A 44 -10.58 7.60 10.27
CA LEU A 44 -11.71 7.29 11.19
C LEU A 44 -12.95 6.81 10.42
N THR A 45 -13.03 7.08 9.12
CA THR A 45 -14.23 6.71 8.32
C THR A 45 -13.95 5.89 7.06
N THR A 46 -12.66 5.64 6.78
CA THR A 46 -12.24 4.85 5.62
C THR A 46 -11.55 3.56 6.07
N THR A 47 -11.84 2.46 5.37
CA THR A 47 -11.11 1.21 5.52
C THR A 47 -9.74 1.34 4.87
N GLY A 48 -8.70 1.06 5.65
CA GLY A 48 -7.31 1.08 5.21
C GLY A 48 -6.78 -0.31 4.89
N THR A 49 -5.61 -0.33 4.25
CA THR A 49 -4.93 -1.57 3.89
C THR A 49 -3.54 -1.57 4.48
N VAL A 50 -3.26 -2.60 5.29
CA VAL A 50 -1.96 -2.73 5.93
C VAL A 50 -0.90 -2.84 4.85
N CYS A 51 0.11 -1.98 4.91
CA CYS A 51 1.19 -1.98 3.92
C CYS A 51 2.57 -2.11 4.56
N GLY A 52 2.63 -2.36 5.86
CA GLY A 52 3.93 -2.54 6.49
C GLY A 52 3.88 -2.54 8.02
N ILE A 53 4.98 -3.01 8.64
CA ILE A 53 5.18 -2.98 10.08
C ILE A 53 6.57 -2.39 10.30
N ASP A 54 6.67 -1.30 11.05
CA ASP A 54 7.97 -0.67 11.23
C ASP A 54 8.77 -1.35 12.35
N GLU A 55 10.00 -0.87 12.55
CA GLU A 55 10.95 -1.46 13.48
C GLU A 55 10.41 -1.48 14.91
N ASP A 56 9.62 -0.47 15.26
CA ASP A 56 9.03 -0.36 16.59
C ASP A 56 7.69 -1.08 16.68
N HIS A 57 7.40 -1.92 15.69
CA HIS A 57 6.22 -2.82 15.67
C HIS A 57 4.86 -2.11 15.47
N ASP A 58 4.91 -0.86 15.07
CA ASP A 58 3.68 -0.15 14.70
C ASP A 58 3.24 -0.46 13.26
N ILE A 59 1.94 -0.32 12.98
CA ILE A 59 1.35 -0.77 11.72
C ILE A 59 1.23 0.38 10.76
N VAL A 60 1.81 0.24 9.56
CA VAL A 60 1.66 1.26 8.53
C VAL A 60 0.50 0.88 7.63
N VAL A 61 -0.43 1.82 7.40
CA VAL A 61 -1.68 1.53 6.69
C VAL A 61 -1.87 2.47 5.49
N GLN A 62 -2.28 1.90 4.34
CA GLN A 62 -2.44 2.63 3.07
C GLN A 62 -3.89 3.05 2.87
N TYR A 63 -4.14 4.31 2.49
CA TYR A 63 -5.53 4.81 2.26
C TYR A 63 -5.75 5.17 0.79
N PRO A 64 -7.02 5.15 0.33
CA PRO A 64 -7.32 5.44 -1.09
C PRO A 64 -6.93 6.86 -1.51
N SER A 65 -6.65 7.73 -0.53
CA SER A 65 -6.13 9.06 -0.85
C SER A 65 -4.67 9.02 -1.32
N GLY A 66 -3.99 7.90 -1.10
CA GLY A 66 -2.55 7.82 -1.35
C GLY A 66 -1.72 7.92 -0.08
N ASN A 67 -2.34 8.44 0.98
CA ASN A 67 -1.61 8.62 2.24
C ASN A 67 -1.37 7.31 2.97
N ARG A 68 -0.22 7.23 3.62
CA ARG A 68 0.13 6.13 4.52
C ARG A 68 0.32 6.71 5.89
N TRP A 69 -0.24 6.07 6.90
CA TRP A 69 -0.13 6.54 8.27
C TRP A 69 0.28 5.39 9.16
N THR A 70 1.00 5.71 10.22
CA THR A 70 1.49 4.74 11.18
C THR A 70 0.62 4.68 12.40
N PHE A 71 0.21 3.48 12.80
CA PHE A 71 -0.65 3.30 13.97
C PHE A 71 -0.13 2.36 15.05
N ASN A 72 -0.43 2.74 16.28
CA ASN A 72 -0.44 1.78 17.38
C ASN A 72 -1.37 0.62 16.94
N PRO A 73 -0.89 -0.63 16.95
CA PRO A 73 -1.74 -1.77 16.60
C PRO A 73 -3.10 -1.83 17.34
N ALA A 74 -3.11 -1.38 18.57
CA ALA A 74 -4.34 -1.36 19.40
C ALA A 74 -5.49 -0.47 18.85
N VAL A 75 -5.14 0.51 18.02
CA VAL A 75 -6.14 1.40 17.45
C VAL A 75 -6.98 0.70 16.37
N LEU A 76 -6.35 -0.24 15.65
CA LEU A 76 -6.93 -0.84 14.47
C LEU A 76 -7.78 -2.04 14.77
N THR A 77 -8.85 -2.20 13.99
CA THR A 77 -9.70 -3.39 14.04
C THR A 77 -9.63 -4.12 12.69
N LYS A 78 -9.26 -5.40 12.70
CA LYS A 78 -9.25 -6.19 11.48
C LYS A 78 -10.65 -6.32 10.89
N ALA A 79 -10.78 -6.09 9.58
CA ALA A 79 -12.11 -6.05 8.91
C ALA A 79 -12.49 -7.32 8.20
N GLN A 97 -11.47 24.18 -13.38
CA GLN A 97 -10.33 23.59 -12.67
C GLN A 97 -10.38 22.06 -12.56
N PHE A 98 -11.56 21.50 -12.31
CA PHE A 98 -11.72 20.05 -12.16
C PHE A 98 -12.19 19.40 -13.45
N GLN A 99 -12.05 18.09 -13.53
CA GLN A 99 -12.57 17.32 -14.66
C GLN A 99 -13.33 16.15 -14.09
N VAL A 100 -14.39 15.74 -14.78
CA VAL A 100 -15.09 14.53 -14.41
C VAL A 100 -14.13 13.35 -14.34
N GLY A 101 -14.24 12.61 -13.24
CA GLY A 101 -13.39 11.47 -12.98
C GLY A 101 -12.30 11.77 -11.96
N ASP A 102 -12.03 13.05 -11.69
CA ASP A 102 -10.94 13.42 -10.79
C ASP A 102 -11.15 12.86 -9.39
N LEU A 103 -10.06 12.40 -8.80
CA LEU A 103 -10.02 11.98 -7.43
C LEU A 103 -9.78 13.23 -6.61
N VAL A 104 -10.72 13.53 -5.71
CA VAL A 104 -10.66 14.72 -4.87
C VAL A 104 -10.86 14.34 -3.42
N GLN A 105 -10.24 15.12 -2.53
CA GLN A 105 -10.39 14.91 -1.11
C GLN A 105 -11.25 16.01 -0.46
N VAL A 106 -12.24 15.59 0.32
CA VAL A 106 -13.13 16.55 0.98
C VAL A 106 -12.40 17.15 2.19
N CYS A 107 -12.53 18.48 2.34
CA CYS A 107 -12.05 19.21 3.52
C CYS A 107 -12.39 18.44 4.81
N TYR A 108 -11.48 18.41 5.79
CA TYR A 108 -11.74 17.67 7.04
C TYR A 108 -12.25 18.55 8.19
N ASP A 109 -12.22 19.86 7.96
CA ASP A 109 -12.61 20.87 8.94
C ASP A 109 -14.10 21.13 8.83
N LEU A 110 -14.85 20.58 9.79
CA LEU A 110 -16.30 20.66 9.81
C LEU A 110 -16.84 22.09 9.81
N GLU A 111 -16.26 22.95 10.64
CA GLU A 111 -16.67 24.35 10.65
C GLU A 111 -16.53 25.01 9.26
N ARG A 112 -15.36 24.84 8.64
CA ARG A 112 -15.09 25.50 7.37
C ARG A 112 -16.02 24.98 6.30
N ILE A 113 -16.19 23.67 6.26
CA ILE A 113 -16.97 23.11 5.18
C ILE A 113 -18.45 23.53 5.30
N LYS A 114 -18.97 23.67 6.52
CA LYS A 114 -20.34 24.18 6.71
C LYS A 114 -20.51 25.55 6.12
N LEU A 115 -19.51 26.39 6.30
CA LEU A 115 -19.63 27.72 5.75
C LEU A 115 -19.51 27.71 4.23
N LEU A 116 -18.59 26.92 3.69
CA LEU A 116 -18.42 26.85 2.22
C LEU A 116 -19.65 26.28 1.54
N GLN A 117 -20.39 25.42 2.25
CA GLN A 117 -21.53 24.74 1.67
C GLN A 117 -22.79 25.60 1.58
N ARG A 118 -22.82 26.70 2.34
CA ARG A 118 -23.92 27.66 2.24
C ARG A 118 -24.06 28.23 0.82
N GLY A 119 -25.19 27.97 0.18
CA GLY A 119 -25.39 28.39 -1.20
C GLY A 119 -24.76 27.50 -2.25
N HIS A 120 -24.04 26.46 -1.83
CA HIS A 120 -23.36 25.56 -2.75
C HIS A 120 -23.73 24.12 -2.50
N GLY A 121 -25.00 23.90 -2.20
CA GLY A 121 -25.53 22.55 -2.02
C GLY A 121 -25.98 22.30 -0.59
N GLU A 122 -25.51 23.14 0.32
CA GLU A 122 -25.79 23.05 1.76
C GLU A 122 -25.17 21.81 2.41
N TRP A 123 -25.16 21.85 3.74
CA TRP A 123 -24.57 20.81 4.55
C TRP A 123 -25.66 19.94 5.08
N ALA A 124 -25.62 18.64 4.84
CA ALA A 124 -26.59 17.69 5.46
C ALA A 124 -25.84 16.82 6.44
N GLU A 125 -26.42 16.52 7.60
CA GLU A 125 -25.69 15.75 8.59
C GLU A 125 -25.27 14.36 8.10
N ALA A 126 -26.02 13.79 7.16
CA ALA A 126 -25.58 12.56 6.53
C ALA A 126 -24.23 12.68 5.79
N MET A 127 -23.68 13.89 5.67
CA MET A 127 -22.40 14.10 4.97
C MET A 127 -21.18 14.02 5.88
N LEU A 128 -21.45 13.91 7.18
CA LEU A 128 -20.41 13.90 8.21
C LEU A 128 -19.29 12.89 7.93
N PRO A 129 -19.63 11.66 7.51
CA PRO A 129 -18.55 10.71 7.21
C PRO A 129 -17.72 11.09 6.01
N THR A 130 -18.17 11.99 5.14
CA THR A 130 -17.36 12.34 3.99
C THR A 130 -16.13 13.21 4.35
N LEU A 131 -16.10 13.75 5.56
CA LEU A 131 -14.96 14.60 5.96
C LEU A 131 -13.61 13.91 5.83
N GLY A 132 -12.70 14.52 5.09
CA GLY A 132 -11.37 13.99 4.96
C GLY A 132 -11.33 12.86 3.98
N LYS A 133 -12.49 12.45 3.47
CA LYS A 133 -12.50 11.32 2.55
C LYS A 133 -12.26 11.71 1.11
N VAL A 134 -11.78 10.74 0.33
CA VAL A 134 -11.67 10.94 -1.11
C VAL A 134 -12.93 10.45 -1.86
N GLY A 135 -13.20 11.06 -3.00
CA GLY A 135 -14.29 10.62 -3.85
C GLY A 135 -13.96 11.00 -5.26
N ARG A 136 -14.94 10.82 -6.14
CA ARG A 136 -14.78 11.04 -7.57
C ARG A 136 -15.79 12.04 -8.15
N VAL A 137 -15.30 13.04 -8.88
CA VAL A 137 -16.16 14.03 -9.52
C VAL A 137 -17.04 13.36 -10.57
N GLN A 138 -18.36 13.54 -10.48
CA GLN A 138 -19.31 12.94 -11.43
C GLN A 138 -19.85 13.92 -12.45
N GLN A 139 -19.91 15.16 -12.06
CA GLN A 139 -20.47 16.19 -12.90
C GLN A 139 -19.97 17.50 -12.36
N ILE A 140 -19.68 18.41 -13.27
CA ILE A 140 -19.33 19.78 -12.91
C ILE A 140 -20.45 20.70 -13.38
N TYR A 141 -21.10 21.41 -12.45
CA TYR A 141 -22.23 22.27 -12.78
C TYR A 141 -21.75 23.58 -13.40
N SER A 142 -22.63 24.27 -14.12
CA SER A 142 -22.24 25.50 -14.82
C SER A 142 -21.67 26.55 -13.90
N ASP A 143 -22.19 26.60 -12.69
CA ASP A 143 -21.67 27.58 -11.74
C ASP A 143 -20.45 27.08 -10.97
N SER A 144 -19.85 25.96 -11.38
CA SER A 144 -18.56 25.42 -10.88
C SER A 144 -18.67 24.50 -9.66
N ASP A 145 -19.84 24.46 -9.04
CA ASP A 145 -20.08 23.44 -8.02
C ASP A 145 -19.91 22.06 -8.63
N LEU A 146 -19.67 21.09 -7.75
CA LEU A 146 -19.32 19.73 -8.16
C LEU A 146 -20.25 18.70 -7.57
N LYS A 147 -20.56 17.69 -8.35
CA LYS A 147 -21.20 16.48 -7.82
C LYS A 147 -20.10 15.47 -7.60
N VAL A 148 -19.90 15.06 -6.35
CA VAL A 148 -18.81 14.17 -6.00
C VAL A 148 -19.35 12.93 -5.34
N GLU A 149 -19.01 11.76 -5.90
CA GLU A 149 -19.38 10.49 -5.30
C GLU A 149 -18.36 10.09 -4.23
N VAL A 150 -18.81 9.90 -2.99
CA VAL A 150 -17.94 9.54 -1.87
C VAL A 150 -18.53 8.28 -1.24
N CYS A 151 -17.80 7.18 -1.30
CA CYS A 151 -18.27 5.87 -0.82
C CYS A 151 -19.73 5.57 -1.20
N GLY A 152 -20.02 5.70 -2.50
CA GLY A 152 -21.28 5.21 -3.06
C GLY A 152 -22.42 6.23 -3.09
N THR A 153 -22.23 7.39 -2.46
CA THR A 153 -23.27 8.42 -2.40
C THR A 153 -22.74 9.72 -2.98
N SER A 154 -23.51 10.37 -3.86
CA SER A 154 -23.04 11.60 -4.48
C SER A 154 -23.59 12.86 -3.80
N TRP A 155 -22.74 13.84 -3.55
CA TRP A 155 -23.17 15.09 -2.96
C TRP A 155 -22.67 16.22 -3.79
N THR A 156 -23.35 17.35 -3.64
CA THR A 156 -22.96 18.63 -4.23
C THR A 156 -22.03 19.33 -3.26
N TYR A 157 -20.84 19.72 -3.74
CA TYR A 157 -19.83 20.48 -2.97
C TYR A 157 -19.39 21.79 -3.67
N ASN A 158 -19.19 22.83 -2.88
CA ASN A 158 -18.37 23.98 -3.28
C ASN A 158 -16.95 23.46 -3.69
N PRO A 159 -16.45 23.84 -4.87
CA PRO A 159 -15.13 23.33 -5.26
C PRO A 159 -14.01 23.75 -4.27
N ALA A 160 -14.22 24.83 -3.52
CA ALA A 160 -13.26 25.23 -2.50
C ALA A 160 -13.26 24.23 -1.34
N ALA A 161 -14.29 23.40 -1.22
CA ALA A 161 -14.37 22.41 -0.13
C ALA A 161 -13.66 21.11 -0.47
N VAL A 162 -13.03 21.04 -1.63
CA VAL A 162 -12.31 19.84 -2.03
C VAL A 162 -11.02 20.17 -2.74
N SER A 163 -10.11 19.19 -2.76
CA SER A 163 -8.76 19.36 -3.33
C SER A 163 -8.49 18.20 -4.24
N LYS A 164 -7.85 18.47 -5.39
CA LYS A 164 -7.46 17.41 -6.31
C LYS A 164 -6.40 16.58 -5.62
N VAL A 165 -6.48 15.27 -5.76
CA VAL A 165 -5.59 14.36 -5.08
C VAL A 165 -4.50 13.92 -6.05
N ALA A 166 -3.25 14.07 -5.62
CA ALA A 166 -2.11 13.40 -6.25
C ALA A 166 -1.74 12.20 -5.38
N SER A 167 -2.19 11.02 -5.77
CA SER A 167 -2.01 9.78 -4.99
C SER A 167 -0.60 9.62 -4.42
N ALA A 168 0.38 9.53 -5.33
CA ALA A 168 1.74 9.26 -4.93
C ALA A 168 2.62 10.51 -4.93
N GLY A 169 2.10 11.60 -5.49
CA GLY A 169 2.85 12.86 -5.61
C GLY A 169 3.99 12.83 -6.61
N SER A 170 5.15 13.35 -6.20
CA SER A 170 6.34 13.47 -7.06
C SER A 170 6.84 12.08 -7.41
N ALA A 171 7.37 11.97 -8.62
CA ALA A 171 7.90 10.70 -9.10
C ALA A 171 9.19 10.39 -8.37
N ILE A 172 9.31 9.14 -7.96
CA ILE A 172 10.49 8.61 -7.29
C ILE A 172 11.06 7.47 -8.13
N SER A 173 12.34 7.58 -8.44
CA SER A 173 13.05 6.57 -9.21
C SER A 173 13.24 5.31 -8.39
N ASN A 174 13.27 4.14 -9.02
CA ASN A 174 13.55 2.90 -8.30
C ASN A 174 15.01 2.65 -7.84
N GLY B 1 -7.32 -5.58 -25.88
CA GLY B 1 -6.36 -4.70 -26.61
C GLY B 1 -4.94 -5.12 -26.27
N PRO B 2 -3.95 -4.59 -27.01
CA PRO B 2 -2.55 -4.93 -26.79
C PRO B 2 -1.97 -4.22 -25.58
N LEU B 3 -0.78 -4.65 -25.21
CA LEU B 3 0.00 -4.00 -24.16
C LEU B 3 0.04 -2.48 -24.35
N GLY B 4 -0.29 -1.71 -23.31
CA GLY B 4 -0.33 -0.27 -23.40
C GLY B 4 -1.70 0.32 -23.72
N SER B 5 -2.66 -0.53 -24.03
CA SER B 5 -4.00 -0.02 -24.44
C SER B 5 -4.98 0.11 -23.25
N ARG B 6 -4.50 -0.15 -22.03
CA ARG B 6 -5.37 0.04 -20.89
C ARG B 6 -5.66 1.53 -20.74
N ASN B 7 -6.92 1.84 -20.45
CA ASN B 7 -7.35 3.19 -20.26
C ASN B 7 -6.70 3.84 -19.05
N PRO B 8 -6.16 5.07 -19.17
CA PRO B 8 -5.63 5.79 -18.02
C PRO B 8 -6.72 5.97 -16.98
N GLY B 9 -6.38 5.65 -15.73
CA GLY B 9 -7.33 5.65 -14.64
C GLY B 9 -8.00 4.31 -14.49
N GLY B 10 -7.65 3.34 -15.33
CA GLY B 10 -8.25 2.01 -15.27
C GLY B 10 -7.67 1.11 -14.17
N LEU B 11 -6.63 1.56 -13.49
CA LEU B 11 -6.17 0.94 -12.24
C LEU B 11 -6.34 1.94 -11.13
N GLN B 12 -6.77 1.46 -9.97
CA GLN B 12 -6.96 2.30 -8.79
C GLN B 12 -6.21 1.68 -7.61
N ILE B 13 -5.85 2.52 -6.65
CA ILE B 13 -5.34 2.03 -5.38
C ILE B 13 -6.17 0.86 -4.88
N GLY B 14 -5.51 -0.22 -4.51
CA GLY B 14 -6.15 -1.45 -4.06
C GLY B 14 -6.26 -2.53 -5.12
N ASP B 15 -6.06 -2.17 -6.39
CA ASP B 15 -6.09 -3.20 -7.46
C ASP B 15 -4.88 -4.11 -7.38
N LEU B 16 -5.10 -5.38 -7.69
CA LEU B 16 -4.04 -6.37 -7.71
C LEU B 16 -3.42 -6.45 -9.11
N VAL B 17 -2.09 -6.47 -9.19
CA VAL B 17 -1.42 -6.53 -10.49
C VAL B 17 -0.33 -7.58 -10.52
N ASN B 18 -0.09 -8.13 -11.70
CA ASN B 18 1.03 -9.03 -11.98
C ASN B 18 1.83 -8.57 -13.17
N ILE B 19 3.02 -9.15 -13.31
CA ILE B 19 3.85 -8.91 -14.49
C ILE B 19 4.11 -10.23 -15.23
N ASP B 20 3.68 -10.31 -16.48
CA ASP B 20 3.78 -11.52 -17.31
C ASP B 20 5.01 -11.48 -18.25
N LEU B 21 5.66 -10.34 -18.33
CA LEU B 21 6.63 -10.04 -19.35
C LEU B 21 8.00 -10.59 -19.00
N ASP B 22 8.80 -10.81 -20.04
CA ASP B 22 10.22 -11.10 -19.87
C ASP B 22 10.96 -9.89 -19.31
N LEU B 23 11.97 -10.13 -18.48
CA LEU B 23 12.71 -9.02 -17.87
C LEU B 23 13.15 -7.96 -18.87
N GLU B 24 13.68 -8.39 -20.00
CA GLU B 24 14.23 -7.44 -20.95
C GLU B 24 13.22 -6.40 -21.43
N ILE B 25 11.99 -6.84 -21.62
CA ILE B 25 10.93 -5.94 -22.08
C ILE B 25 10.53 -5.02 -20.92
N VAL B 26 10.49 -5.58 -19.72
CA VAL B 26 10.23 -4.75 -18.55
C VAL B 26 11.23 -3.61 -18.49
N GLN B 27 12.50 -3.92 -18.69
CA GLN B 27 13.56 -2.92 -18.67
C GLN B 27 13.41 -1.85 -19.73
N SER B 28 12.98 -2.22 -20.95
CA SER B 28 12.77 -1.20 -21.99
C SER B 28 11.67 -0.23 -21.57
N LEU B 29 10.57 -0.80 -21.10
CA LEU B 29 9.39 0.01 -20.75
C LEU B 29 9.59 0.87 -19.50
N GLN B 30 10.51 0.46 -18.63
CA GLN B 30 10.79 1.21 -17.40
C GLN B 30 11.67 2.45 -17.64
N HIS B 31 12.24 2.54 -18.84
CA HIS B 31 13.04 3.68 -19.21
C HIS B 31 12.14 4.92 -19.23
N GLY B 32 12.37 5.85 -18.29
CA GLY B 32 11.53 7.04 -18.19
C GLY B 32 10.28 6.76 -17.37
N HIS B 33 10.21 5.60 -16.74
CA HIS B 33 9.08 5.31 -15.88
C HIS B 33 9.51 4.75 -14.54
N GLY B 34 10.71 5.09 -14.09
CA GLY B 34 11.20 4.70 -12.77
C GLY B 34 12.40 3.77 -12.79
N GLY B 35 12.70 3.23 -13.97
CA GLY B 35 13.85 2.38 -14.16
C GLY B 35 13.69 1.02 -13.54
N TRP B 36 14.78 0.25 -13.58
CA TRP B 36 14.85 -1.09 -13.02
C TRP B 36 16.06 -1.23 -12.08
N THR B 37 15.85 -1.90 -10.95
CA THR B 37 16.94 -2.33 -10.08
C THR B 37 16.63 -3.78 -9.67
N ASP B 38 17.64 -4.57 -9.33
CA ASP B 38 17.46 -6.01 -9.13
C ASP B 38 16.64 -6.30 -7.88
N GLY B 39 16.56 -5.35 -6.96
CA GLY B 39 15.62 -5.48 -5.86
C GLY B 39 14.19 -5.71 -6.36
N MET B 40 13.91 -5.40 -7.63
CA MET B 40 12.57 -5.56 -8.20
C MET B 40 12.24 -6.99 -8.71
N PHE B 41 13.16 -7.94 -8.58
CA PHE B 41 12.86 -9.30 -9.05
C PHE B 41 11.61 -9.89 -8.42
N GLU B 42 11.34 -9.52 -7.17
CA GLU B 42 10.09 -9.87 -6.51
C GLU B 42 8.85 -9.64 -7.40
N THR B 43 8.84 -8.55 -8.17
CA THR B 43 7.64 -8.12 -8.92
C THR B 43 7.32 -9.04 -10.09
N LEU B 44 8.36 -9.71 -10.58
CA LEU B 44 8.17 -10.60 -11.71
C LEU B 44 7.47 -11.88 -11.30
N THR B 45 7.48 -12.23 -10.01
CA THR B 45 6.89 -13.48 -9.54
C THR B 45 5.86 -13.30 -8.40
N THR B 46 5.72 -12.06 -7.93
CA THR B 46 4.79 -11.74 -6.85
C THR B 46 3.64 -10.81 -7.31
N THR B 47 2.43 -11.10 -6.85
CA THR B 47 1.28 -10.20 -7.05
C THR B 47 1.38 -8.95 -6.17
N GLY B 48 1.33 -7.80 -6.82
CA GLY B 48 1.37 -6.51 -6.16
C GLY B 48 0.00 -5.88 -5.99
N THR B 49 -0.06 -4.85 -5.15
CA THR B 49 -1.25 -4.09 -4.88
C THR B 49 -0.95 -2.63 -5.19
N VAL B 50 -1.72 -2.06 -6.11
CA VAL B 50 -1.58 -0.66 -6.47
C VAL B 50 -1.76 0.26 -5.27
N CYS B 51 -0.80 1.16 -5.02
CA CYS B 51 -0.91 2.05 -3.87
C CYS B 51 -0.80 3.53 -4.21
N GLY B 52 -0.78 3.87 -5.50
CA GLY B 52 -0.69 5.26 -5.89
C GLY B 52 -0.42 5.46 -7.37
N ILE B 53 -0.64 6.69 -7.84
CA ILE B 53 -0.32 7.16 -9.19
C ILE B 53 0.47 8.44 -9.03
N ASP B 54 1.69 8.51 -9.58
CA ASP B 54 2.53 9.70 -9.38
C ASP B 54 2.20 10.77 -10.42
N GLU B 55 2.91 11.90 -10.32
CA GLU B 55 2.64 13.10 -11.14
C GLU B 55 2.80 12.82 -12.63
N ASP B 56 3.70 11.91 -12.96
CA ASP B 56 3.93 11.51 -14.34
C ASP B 56 3.03 10.35 -14.81
N HIS B 57 1.97 10.04 -14.05
CA HIS B 57 0.98 8.99 -14.40
C HIS B 57 1.52 7.54 -14.33
N ASP B 58 2.70 7.37 -13.73
CA ASP B 58 3.21 6.02 -13.47
C ASP B 58 2.57 5.44 -12.20
N ILE B 59 2.57 4.11 -12.14
CA ILE B 59 1.85 3.37 -11.10
C ILE B 59 2.80 2.95 -9.99
N VAL B 60 2.49 3.32 -8.76
CA VAL B 60 3.29 2.87 -7.62
C VAL B 60 2.61 1.62 -7.07
N VAL B 61 3.38 0.54 -6.86
CA VAL B 61 2.83 -0.76 -6.46
C VAL B 61 3.49 -1.30 -5.17
N GLN B 62 2.66 -1.81 -4.26
CA GLN B 62 3.05 -2.31 -2.95
C GLN B 62 3.22 -3.83 -2.95
N TYR B 63 4.33 -4.32 -2.40
CA TYR B 63 4.63 -5.78 -2.34
C TYR B 63 4.72 -6.29 -0.92
N PRO B 64 4.50 -7.62 -0.71
CA PRO B 64 4.49 -8.22 0.65
C PRO B 64 5.81 -8.07 1.39
N SER B 65 6.88 -7.71 0.66
CA SER B 65 8.16 -7.41 1.30
C SER B 65 8.18 -6.07 2.03
N GLY B 66 7.18 -5.23 1.74
CA GLY B 66 7.20 -3.86 2.23
C GLY B 66 7.63 -2.87 1.17
N ASN B 67 8.33 -3.35 0.15
CA ASN B 67 8.81 -2.46 -0.90
C ASN B 67 7.68 -1.91 -1.80
N ARG B 68 7.86 -0.66 -2.22
CA ARG B 68 7.03 -0.03 -3.22
C ARG B 68 7.89 0.33 -4.40
N TRP B 69 7.39 0.01 -5.61
CA TRP B 69 8.10 0.27 -6.85
C TRP B 69 7.19 1.01 -7.82
N THR B 70 7.80 1.83 -8.67
CA THR B 70 7.07 2.62 -9.68
C THR B 70 7.14 1.97 -11.08
N PHE B 71 5.99 1.80 -11.72
CA PHE B 71 5.92 1.18 -13.05
C PHE B 71 5.24 2.02 -14.13
N ASN B 72 5.79 1.88 -15.32
CA ASN B 72 5.08 2.15 -16.55
C ASN B 72 3.82 1.32 -16.47
N PRO B 73 2.63 1.94 -16.60
CA PRO B 73 1.37 1.22 -16.61
C PRO B 73 1.32 0.05 -17.61
N ALA B 74 2.01 0.16 -18.74
CA ALA B 74 2.04 -0.89 -19.79
C ALA B 74 2.64 -2.23 -19.31
N VAL B 75 3.48 -2.16 -18.27
CA VAL B 75 4.11 -3.35 -17.76
C VAL B 75 3.14 -4.26 -16.97
N LEU B 76 2.16 -3.66 -16.31
CA LEU B 76 1.31 -4.37 -15.36
C LEU B 76 0.08 -5.02 -16.01
N THR B 77 -0.30 -6.18 -15.50
CA THR B 77 -1.53 -6.85 -15.93
C THR B 77 -2.45 -6.86 -14.72
N LYS B 78 -3.67 -6.34 -14.87
CA LYS B 78 -4.66 -6.38 -13.80
C LYS B 78 -5.03 -7.82 -13.48
N ALA B 79 -5.08 -8.19 -12.21
CA ALA B 79 -5.34 -9.58 -11.78
C ALA B 79 -6.80 -9.85 -11.37
N PHE B 98 17.77 -15.63 13.56
CA PHE B 98 16.39 -15.80 13.13
C PHE B 98 15.51 -16.48 14.17
N GLN B 99 14.22 -16.26 14.03
CA GLN B 99 13.20 -16.89 14.86
C GLN B 99 12.09 -17.41 13.96
N VAL B 100 11.47 -18.50 14.35
CA VAL B 100 10.29 -18.99 13.66
C VAL B 100 9.26 -17.88 13.59
N GLY B 101 8.69 -17.70 12.41
CA GLY B 101 7.72 -16.66 12.14
C GLY B 101 8.33 -15.48 11.39
N ASP B 102 9.65 -15.38 11.38
CA ASP B 102 10.30 -14.22 10.78
C ASP B 102 10.00 -14.07 9.30
N LEU B 103 9.79 -12.83 8.87
CA LEU B 103 9.63 -12.51 7.49
C LEU B 103 11.03 -12.31 6.91
N VAL B 104 11.35 -13.12 5.91
CA VAL B 104 12.68 -13.08 5.30
C VAL B 104 12.56 -12.96 3.80
N GLN B 105 13.55 -12.31 3.19
CA GLN B 105 13.63 -12.18 1.74
C GLN B 105 14.74 -13.07 1.17
N VAL B 106 14.40 -13.85 0.15
CA VAL B 106 15.37 -14.72 -0.50
C VAL B 106 16.24 -13.87 -1.43
N CYS B 107 17.54 -14.15 -1.41
CA CYS B 107 18.50 -13.55 -2.32
C CYS B 107 17.96 -13.57 -3.74
N TYR B 108 18.16 -12.48 -4.48
CA TYR B 108 17.68 -12.38 -5.87
C TYR B 108 18.74 -12.70 -6.94
N ASP B 109 19.96 -12.92 -6.48
CA ASP B 109 21.11 -13.23 -7.33
C ASP B 109 21.21 -14.73 -7.51
N LEU B 110 20.80 -15.22 -8.67
CA LEU B 110 20.77 -16.66 -8.94
C LEU B 110 22.13 -17.37 -8.81
N GLU B 111 23.17 -16.77 -9.37
CA GLU B 111 24.51 -17.35 -9.22
C GLU B 111 24.90 -17.52 -7.75
N ARG B 112 24.77 -16.44 -6.97
CA ARG B 112 25.19 -16.48 -5.58
C ARG B 112 24.40 -17.52 -4.78
N ILE B 113 23.09 -17.57 -4.98
CA ILE B 113 22.26 -18.46 -4.17
C ILE B 113 22.55 -19.93 -4.49
N LYS B 114 22.88 -20.23 -5.74
CA LYS B 114 23.30 -21.58 -6.10
C LYS B 114 24.55 -22.00 -5.34
N LEU B 115 25.47 -21.06 -5.20
CA LEU B 115 26.69 -21.36 -4.46
C LEU B 115 26.39 -21.48 -2.98
N LEU B 116 25.52 -20.62 -2.46
CA LEU B 116 25.20 -20.72 -1.05
C LEU B 116 24.46 -22.02 -0.68
N GLN B 117 23.69 -22.57 -1.61
CA GLN B 117 22.85 -23.73 -1.33
C GLN B 117 23.57 -25.09 -1.37
N ARG B 118 24.77 -25.16 -1.94
CA ARG B 118 25.58 -26.37 -1.90
C ARG B 118 25.89 -26.75 -0.46
N GLY B 119 25.46 -27.94 -0.05
CA GLY B 119 25.63 -28.39 1.33
C GLY B 119 24.63 -27.84 2.33
N HIS B 120 23.75 -26.96 1.86
CA HIS B 120 22.74 -26.32 2.73
C HIS B 120 21.35 -26.50 2.15
N GLY B 121 21.09 -27.68 1.61
CA GLY B 121 19.78 -28.01 1.08
C GLY B 121 19.75 -28.16 -0.43
N GLU B 122 20.81 -27.64 -1.09
CA GLU B 122 20.95 -27.64 -2.54
C GLU B 122 19.92 -26.79 -3.28
N TRP B 123 20.19 -26.57 -4.57
CA TRP B 123 19.32 -25.77 -5.41
C TRP B 123 18.44 -26.67 -6.28
N ALA B 124 17.14 -26.48 -6.27
CA ALA B 124 16.28 -27.17 -7.22
C ALA B 124 15.66 -26.13 -8.15
N GLU B 125 15.53 -26.43 -9.43
CA GLU B 125 15.02 -25.47 -10.38
C GLU B 125 13.59 -25.05 -10.06
N ALA B 126 12.84 -25.92 -9.38
CA ALA B 126 11.53 -25.49 -8.90
C ALA B 126 11.61 -24.33 -7.91
N MET B 127 12.81 -23.94 -7.47
CA MET B 127 12.99 -22.83 -6.51
C MET B 127 13.19 -21.48 -7.20
N LEU B 128 13.33 -21.50 -8.52
CA LEU B 128 13.56 -20.30 -9.32
C LEU B 128 12.58 -19.14 -9.01
N PRO B 129 11.28 -19.43 -8.85
CA PRO B 129 10.38 -18.32 -8.52
C PRO B 129 10.62 -17.71 -7.15
N THR B 130 11.35 -18.33 -6.24
CA THR B 130 11.55 -17.76 -4.91
C THR B 130 12.56 -16.61 -4.90
N LEU B 131 13.32 -16.43 -5.98
CA LEU B 131 14.32 -15.35 -6.03
C LEU B 131 13.73 -13.98 -5.77
N GLY B 132 14.21 -13.30 -4.74
CA GLY B 132 13.74 -11.97 -4.45
C GLY B 132 12.44 -11.96 -3.69
N LYS B 133 11.83 -13.12 -3.49
CA LYS B 133 10.54 -13.19 -2.79
C LYS B 133 10.70 -13.25 -1.30
N VAL B 134 9.63 -12.86 -0.59
CA VAL B 134 9.60 -13.03 0.87
C VAL B 134 8.88 -14.33 1.29
N GLY B 135 9.26 -14.86 2.45
CA GLY B 135 8.59 -16.02 3.01
C GLY B 135 8.71 -15.96 4.50
N ARG B 136 8.30 -17.04 5.15
CA ARG B 136 8.25 -17.11 6.61
C ARG B 136 9.04 -18.31 7.12
N VAL B 137 9.95 -18.07 8.06
CA VAL B 137 10.69 -19.16 8.66
C VAL B 137 9.77 -20.10 9.44
N GLN B 138 9.84 -21.40 9.14
CA GLN B 138 9.01 -22.42 9.78
C GLN B 138 9.78 -23.22 10.82
N GLN B 139 11.06 -23.33 10.59
CA GLN B 139 11.88 -24.12 11.47
C GLN B 139 13.30 -23.71 11.28
N ILE B 140 14.04 -23.76 12.37
CA ILE B 140 15.46 -23.52 12.34
C ILE B 140 16.20 -24.81 12.70
N TYR B 141 17.03 -25.27 11.78
CA TYR B 141 17.74 -26.52 12.02
C TYR B 141 18.92 -26.31 12.95
N SER B 142 19.38 -27.37 13.60
CA SER B 142 20.42 -27.23 14.62
C SER B 142 21.72 -26.68 14.01
N ASP B 143 22.00 -27.00 12.75
CA ASP B 143 23.18 -26.43 12.11
C ASP B 143 22.92 -25.05 11.51
N SER B 144 21.76 -24.44 11.81
CA SER B 144 21.42 -23.02 11.48
C SER B 144 20.75 -22.78 10.12
N ASP B 145 20.70 -23.81 9.28
CA ASP B 145 19.90 -23.74 8.07
C ASP B 145 18.46 -23.49 8.45
N LEU B 146 17.68 -23.02 7.48
CA LEU B 146 16.31 -22.60 7.71
C LEU B 146 15.32 -23.32 6.80
N LYS B 147 14.16 -23.62 7.33
CA LYS B 147 13.03 -24.04 6.53
C LYS B 147 12.15 -22.81 6.34
N VAL B 148 11.99 -22.40 5.08
CA VAL B 148 11.27 -21.18 4.77
C VAL B 148 10.14 -21.47 3.82
N GLU B 149 8.93 -21.10 4.24
CA GLU B 149 7.78 -21.22 3.39
C GLU B 149 7.67 -19.99 2.47
N VAL B 150 7.69 -20.21 1.16
CA VAL B 150 7.59 -19.12 0.18
C VAL B 150 6.42 -19.41 -0.75
N CYS B 151 5.38 -18.57 -0.70
CA CYS B 151 4.14 -18.79 -1.47
C CYS B 151 3.67 -20.25 -1.43
N GLY B 152 3.53 -20.81 -0.23
CA GLY B 152 2.91 -22.11 -0.04
C GLY B 152 3.81 -23.33 -0.05
N THR B 153 5.08 -23.16 -0.42
CA THR B 153 6.03 -24.27 -0.50
C THR B 153 7.22 -24.03 0.42
N SER B 154 7.60 -25.02 1.21
CA SER B 154 8.72 -24.87 2.15
C SER B 154 10.02 -25.37 1.56
N TRP B 155 11.07 -24.57 1.66
CA TRP B 155 12.37 -25.04 1.20
C TRP B 155 13.40 -24.79 2.28
N THR B 156 14.50 -25.55 2.18
CA THR B 156 15.67 -25.41 3.03
C THR B 156 16.63 -24.41 2.43
N TYR B 157 16.97 -23.37 3.19
CA TYR B 157 17.92 -22.35 2.75
C TYR B 157 19.09 -22.21 3.73
N ASN B 158 20.26 -22.02 3.16
CA ASN B 158 21.39 -21.42 3.86
C ASN B 158 20.96 -20.06 4.48
N PRO B 159 21.20 -19.82 5.77
CA PRO B 159 20.75 -18.54 6.31
C PRO B 159 21.42 -17.31 5.62
N ALA B 160 22.61 -17.46 5.02
CA ALA B 160 23.23 -16.35 4.29
C ALA B 160 22.46 -16.00 3.01
N ALA B 161 21.61 -16.93 2.56
CA ALA B 161 20.84 -16.68 1.34
C ALA B 161 19.52 -15.94 1.60
N VAL B 162 19.30 -15.52 2.84
CA VAL B 162 18.09 -14.77 3.17
C VAL B 162 18.39 -13.63 4.14
N SER B 163 17.48 -12.65 4.17
CA SER B 163 17.64 -11.44 4.99
C SER B 163 16.35 -11.21 5.74
N LYS B 164 16.45 -10.84 7.02
CA LYS B 164 15.26 -10.49 7.78
C LYS B 164 14.69 -9.21 7.20
N VAL B 165 13.38 -9.16 7.07
CA VAL B 165 12.69 -8.03 6.50
C VAL B 165 12.04 -7.21 7.59
N ALA B 166 12.28 -5.91 7.60
CA ALA B 166 11.43 -5.00 8.34
C ALA B 166 10.50 -4.35 7.31
N SER B 167 9.25 -4.80 7.25
CA SER B 167 8.26 -4.37 6.26
C SER B 167 8.33 -2.87 5.93
N ALA B 168 8.16 -2.02 6.93
CA ALA B 168 8.09 -0.57 6.74
C ALA B 168 9.39 0.11 7.15
N GLY B 169 10.30 -0.67 7.72
CA GLY B 169 11.59 -0.16 8.16
C GLY B 169 11.56 0.79 9.35
N SER B 170 12.28 1.89 9.24
CA SER B 170 12.38 2.87 10.32
C SER B 170 11.06 3.58 10.56
N ALA B 171 10.83 3.95 11.81
CA ALA B 171 9.60 4.62 12.20
C ALA B 171 9.58 6.04 11.66
N ILE B 172 8.45 6.39 11.06
CA ILE B 172 8.18 7.72 10.53
C ILE B 172 6.94 8.27 11.23
N SER B 173 7.06 9.47 11.75
CA SER B 173 5.96 10.14 12.42
C SER B 173 4.90 10.61 11.44
N ASN B 174 3.63 10.60 11.86
CA ASN B 174 2.56 11.10 11.02
C ASN B 174 2.56 12.63 10.86
#